data_2GMM
#
_entry.id   2GMM
#
_cell.length_a   58.706
_cell.length_b   62.587
_cell.length_c   129.959
_cell.angle_alpha   90.00
_cell.angle_beta   90.00
_cell.angle_gamma   90.00
#
_symmetry.space_group_name_H-M   'P 21 21 21'
#
loop_
_entity.id
_entity.type
_entity.pdbx_description
1 polymer lectin
2 branched alpha-D-mannopyranose-(1-2)-alpha-D-mannopyranose
3 non-polymer 'SULFATE ION'
4 water water
#
_entity_poly.entity_id   1
_entity_poly.type   'polypeptide(L)'
_entity_poly.pdbx_seq_one_letter_code
;(PCA)DSLSFGFPTFPSDQKNLIFQGDAQIKNNAVQLTKTDSNGNPVASTVGRILFSAQVHLWEKSSSRVANFQSQFSFS
LKSPLSNGADGIAFFIAPPDTTIPSGSGGGLLGLFAPGTAQNTSANQVIAVEFDTFYAQDSNTWDPNYPHIGIDVNSIRS
VKTVKWDRRDGQSLNVLVTFNPSTRNLDVVATYSDGTRYEVSYEVDVRSVLPEWVRVGFSAASGEQYQTHTLESWSFTST
LLYTAQKKGENLALEM
;
_entity_poly.pdbx_strand_id   A,B
#
loop_
_chem_comp.id
_chem_comp.type
_chem_comp.name
_chem_comp.formula
MAN D-saccharide, alpha linking alpha-D-mannopyranose 'C6 H12 O6'
SO4 non-polymer 'SULFATE ION' 'O4 S -2'
#
# COMPACT_ATOMS: atom_id res chain seq x y z
N PCA A 1 2.96 8.60 0.12
CA PCA A 1 4.37 8.09 -0.03
CB PCA A 1 4.32 6.59 0.22
CG PCA A 1 2.90 6.18 -0.03
CD PCA A 1 2.03 7.42 0.15
OE PCA A 1 0.81 7.35 0.09
C PCA A 1 4.96 8.37 -1.41
O PCA A 1 4.24 8.29 -2.41
N ASP A 2 6.24 8.69 -1.47
CA ASP A 2 6.89 8.94 -2.75
C ASP A 2 7.11 7.62 -3.48
N SER A 3 7.22 6.54 -2.72
CA SER A 3 7.45 5.22 -3.28
C SER A 3 6.45 4.21 -2.73
N LEU A 4 6.01 3.31 -3.60
CA LEU A 4 5.03 2.30 -3.23
C LEU A 4 5.25 1.06 -4.08
N SER A 5 5.14 -0.10 -3.47
CA SER A 5 5.32 -1.34 -4.20
C SER A 5 4.54 -2.44 -3.52
N PHE A 6 4.12 -3.42 -4.30
CA PHE A 6 3.38 -4.55 -3.76
C PHE A 6 3.49 -5.73 -4.71
N GLY A 7 3.38 -6.94 -4.17
CA GLY A 7 3.49 -8.11 -5.03
C GLY A 7 2.46 -9.18 -4.72
N PHE A 8 1.81 -9.67 -5.77
CA PHE A 8 0.82 -10.75 -5.67
C PHE A 8 1.33 -11.95 -6.48
N PRO A 9 2.03 -12.90 -5.83
CA PRO A 9 2.52 -14.06 -6.57
C PRO A 9 1.31 -14.84 -7.10
N THR A 10 0.24 -14.80 -6.30
CA THR A 10 -1.04 -15.43 -6.63
C THR A 10 -2.08 -14.55 -5.96
N PHE A 11 -3.35 -14.91 -6.14
CA PHE A 11 -4.46 -14.16 -5.56
C PHE A 11 -5.37 -15.05 -4.72
N PRO A 12 -4.97 -15.36 -3.48
CA PRO A 12 -5.80 -16.22 -2.62
C PRO A 12 -7.12 -15.50 -2.33
N SER A 13 -8.16 -16.26 -2.00
CA SER A 13 -9.49 -15.70 -1.76
C SER A 13 -9.60 -14.70 -0.60
N ASP A 14 -8.60 -14.70 0.27
CA ASP A 14 -8.60 -13.85 1.45
C ASP A 14 -8.21 -12.38 1.21
N GLN A 15 -8.57 -11.83 0.05
CA GLN A 15 -8.21 -10.45 -0.32
C GLN A 15 -8.71 -9.30 0.57
N LYS A 16 -7.86 -8.28 0.73
CA LYS A 16 -8.20 -7.11 1.55
C LYS A 16 -7.93 -5.77 0.84
N ASN A 17 -6.91 -5.72 -0.02
CA ASN A 17 -6.56 -4.47 -0.68
C ASN A 17 -6.94 -4.32 -2.15
N LEU A 18 -7.94 -5.06 -2.58
CA LEU A 18 -8.39 -4.96 -3.96
C LEU A 18 -9.81 -4.43 -4.02
N ILE A 19 -10.04 -3.46 -4.89
CA ILE A 19 -11.38 -2.93 -5.06
C ILE A 19 -11.97 -3.69 -6.25
N PHE A 20 -12.91 -4.58 -5.97
CA PHE A 20 -13.58 -5.37 -7.00
C PHE A 20 -14.74 -4.58 -7.61
N GLN A 21 -14.84 -4.60 -8.93
CA GLN A 21 -15.91 -3.89 -9.61
C GLN A 21 -16.51 -4.83 -10.66
N GLY A 22 -17.81 -4.67 -10.91
CA GLY A 22 -18.47 -5.53 -11.88
C GLY A 22 -18.49 -6.98 -11.41
N ASP A 23 -18.16 -7.91 -12.31
CA ASP A 23 -18.17 -9.32 -11.98
C ASP A 23 -16.85 -9.88 -11.46
N ALA A 24 -15.84 -9.03 -11.35
CA ALA A 24 -14.53 -9.47 -10.88
C ALA A 24 -14.59 -10.13 -9.51
N GLN A 25 -13.90 -11.26 -9.39
CA GLN A 25 -13.84 -11.99 -8.13
C GLN A 25 -12.71 -13.00 -8.18
N ILE A 26 -12.29 -13.46 -7.01
CA ILE A 26 -11.20 -14.43 -6.90
C ILE A 26 -11.73 -15.85 -7.06
N LYS A 27 -10.98 -16.66 -7.79
CA LYS A 27 -11.36 -18.05 -8.00
C LYS A 27 -10.12 -18.82 -8.43
N ASN A 28 -9.84 -19.92 -7.74
CA ASN A 28 -8.68 -20.76 -8.04
C ASN A 28 -7.37 -19.99 -7.86
N ASN A 29 -7.31 -19.20 -6.79
CA ASN A 29 -6.13 -18.38 -6.47
C ASN A 29 -5.72 -17.41 -7.57
N ALA A 30 -6.70 -16.96 -8.35
CA ALA A 30 -6.45 -16.02 -9.43
C ALA A 30 -7.64 -15.08 -9.52
N VAL A 31 -7.45 -13.92 -10.12
CA VAL A 31 -8.55 -12.99 -10.26
C VAL A 31 -9.27 -13.29 -11.57
N GLN A 32 -10.54 -13.68 -11.47
CA GLN A 32 -11.34 -13.94 -12.66
C GLN A 32 -12.06 -12.63 -12.91
N LEU A 33 -11.49 -11.81 -13.80
CA LEU A 33 -12.08 -10.52 -14.11
C LEU A 33 -13.50 -10.64 -14.67
N THR A 34 -13.72 -11.59 -15.56
CA THR A 34 -15.05 -11.80 -16.15
C THR A 34 -15.73 -13.03 -15.56
N LYS A 35 -17.06 -12.96 -15.50
CA LYS A 35 -17.88 -14.01 -14.92
C LYS A 35 -17.74 -15.39 -15.57
N THR A 36 -17.84 -16.41 -14.72
CA THR A 36 -17.74 -17.81 -15.15
C THR A 36 -18.82 -18.58 -14.38
N ASP A 37 -19.39 -19.61 -15.01
CA ASP A 37 -20.42 -20.41 -14.35
C ASP A 37 -19.87 -21.34 -13.28
N SER A 38 -20.70 -22.28 -12.83
CA SER A 38 -20.33 -23.24 -11.82
C SER A 38 -19.22 -24.20 -12.24
N ASN A 39 -19.06 -24.35 -13.55
CA ASN A 39 -18.03 -25.26 -14.07
C ASN A 39 -16.76 -24.49 -14.42
N GLY A 40 -16.78 -23.18 -14.19
CA GLY A 40 -15.62 -22.37 -14.50
C GLY A 40 -15.53 -21.97 -15.95
N ASN A 41 -16.65 -22.07 -16.67
CA ASN A 41 -16.67 -21.71 -18.07
C ASN A 41 -17.11 -20.26 -18.24
N PRO A 42 -16.48 -19.53 -19.16
CA PRO A 42 -16.81 -18.13 -19.42
C PRO A 42 -18.24 -17.95 -19.95
N VAL A 43 -18.86 -16.83 -19.60
CA VAL A 43 -20.22 -16.54 -20.05
C VAL A 43 -20.20 -15.22 -20.82
N ALA A 44 -21.24 -15.00 -21.62
CA ALA A 44 -21.34 -13.78 -22.40
C ALA A 44 -21.79 -12.59 -21.55
N SER A 45 -21.68 -11.39 -22.12
CA SER A 45 -22.10 -10.15 -21.47
C SER A 45 -21.65 -10.00 -20.00
N THR A 46 -20.36 -9.84 -19.80
CA THR A 46 -19.81 -9.68 -18.46
C THR A 46 -18.63 -8.72 -18.48
N VAL A 47 -18.54 -7.89 -17.44
CA VAL A 47 -17.46 -6.92 -17.30
C VAL A 47 -16.99 -6.93 -15.85
N GLY A 48 -15.68 -6.76 -15.65
CA GLY A 48 -15.12 -6.75 -14.31
C GLY A 48 -13.76 -6.10 -14.27
N ARG A 49 -13.44 -5.46 -13.15
CA ARG A 49 -12.14 -4.81 -12.98
C ARG A 49 -11.71 -4.88 -11.52
N ILE A 50 -10.43 -4.58 -11.28
CA ILE A 50 -9.91 -4.50 -9.93
C ILE A 50 -8.97 -3.30 -9.91
N LEU A 51 -8.78 -2.73 -8.73
CA LEU A 51 -7.89 -1.59 -8.54
C LEU A 51 -7.21 -1.86 -7.21
N PHE A 52 -5.93 -1.51 -7.09
CA PHE A 52 -5.28 -1.71 -5.80
C PHE A 52 -5.84 -0.56 -4.95
N SER A 53 -6.11 -0.83 -3.68
CA SER A 53 -6.69 0.19 -2.80
C SER A 53 -5.81 1.41 -2.53
N ALA A 54 -4.51 1.19 -2.34
CA ALA A 54 -3.59 2.30 -2.08
C ALA A 54 -3.40 3.09 -3.37
N GLN A 55 -3.52 4.41 -3.27
CA GLN A 55 -3.34 5.26 -4.42
C GLN A 55 -1.87 5.48 -4.69
N VAL A 56 -1.55 5.73 -5.96
CA VAL A 56 -0.17 5.93 -6.40
C VAL A 56 0.05 7.42 -6.69
N HIS A 57 1.15 7.97 -6.20
CA HIS A 57 1.45 9.37 -6.45
C HIS A 57 2.28 9.34 -7.74
N LEU A 58 1.59 9.52 -8.87
CA LEU A 58 2.20 9.48 -10.19
C LEU A 58 3.12 10.65 -10.52
N TRP A 59 2.74 11.85 -10.10
CA TRP A 59 3.58 13.04 -10.30
C TRP A 59 3.21 14.10 -9.28
N GLU A 60 4.11 15.06 -9.09
CA GLU A 60 3.90 16.11 -8.10
C GLU A 60 4.36 17.43 -8.69
N LYS A 61 3.41 18.33 -8.93
CA LYS A 61 3.70 19.64 -9.51
C LYS A 61 4.68 20.47 -8.68
N SER A 62 4.39 20.61 -7.39
CA SER A 62 5.22 21.42 -6.50
C SER A 62 6.70 21.09 -6.55
N SER A 63 7.04 19.81 -6.53
CA SER A 63 8.44 19.39 -6.57
C SER A 63 8.91 19.14 -7.99
N SER A 64 8.01 19.26 -8.95
CA SER A 64 8.36 19.03 -10.35
C SER A 64 8.87 17.61 -10.53
N ARG A 65 8.23 16.65 -9.86
CA ARG A 65 8.65 15.26 -9.98
C ARG A 65 7.63 14.37 -10.65
N VAL A 66 8.11 13.36 -11.36
CA VAL A 66 7.24 12.40 -12.03
C VAL A 66 7.75 11.03 -11.66
N ALA A 67 6.83 10.09 -11.47
CA ALA A 67 7.18 8.75 -11.07
C ALA A 67 7.66 7.80 -12.16
N ASN A 68 8.59 6.95 -11.78
CA ASN A 68 9.12 5.90 -12.64
C ASN A 68 8.37 4.70 -12.06
N PHE A 69 7.66 3.96 -12.89
CA PHE A 69 6.94 2.81 -12.36
C PHE A 69 7.04 1.59 -13.26
N GLN A 70 6.78 0.43 -12.66
CA GLN A 70 6.81 -0.82 -13.39
C GLN A 70 5.63 -1.68 -12.93
N SER A 71 5.05 -2.40 -13.88
CA SER A 71 3.91 -3.26 -13.58
C SER A 71 4.15 -4.55 -14.33
N GLN A 72 4.30 -5.64 -13.58
CA GLN A 72 4.54 -6.95 -14.16
C GLN A 72 3.36 -7.82 -13.80
N PHE A 73 2.83 -8.56 -14.77
CA PHE A 73 1.69 -9.41 -14.51
C PHE A 73 1.56 -10.54 -15.52
N SER A 74 0.74 -11.52 -15.15
CA SER A 74 0.50 -12.69 -16.00
CA SER A 74 0.50 -12.69 -16.00
C SER A 74 -0.99 -12.98 -16.09
N PHE A 75 -1.44 -13.39 -17.26
CA PHE A 75 -2.85 -13.73 -17.45
C PHE A 75 -2.98 -14.78 -18.53
N SER A 76 -4.12 -15.45 -18.55
CA SER A 76 -4.39 -16.46 -19.55
C SER A 76 -5.85 -16.32 -19.94
N LEU A 77 -6.15 -16.60 -21.20
CA LEU A 77 -7.52 -16.50 -21.71
C LEU A 77 -7.95 -17.87 -22.21
N LYS A 78 -9.14 -18.31 -21.82
CA LYS A 78 -9.65 -19.60 -22.26
C LYS A 78 -11.08 -19.47 -22.70
N SER A 79 -11.43 -20.21 -23.75
CA SER A 79 -12.78 -20.17 -24.27
C SER A 79 -13.11 -21.37 -25.12
N PRO A 80 -14.37 -21.85 -25.04
CA PRO A 80 -14.81 -23.01 -25.82
C PRO A 80 -14.92 -22.55 -27.28
N LEU A 81 -15.02 -21.24 -27.46
CA LEU A 81 -15.14 -20.63 -28.79
C LEU A 81 -13.78 -20.51 -29.47
N SER A 82 -13.80 -20.26 -30.77
CA SER A 82 -12.57 -20.11 -31.53
C SER A 82 -12.28 -18.63 -31.67
N ASN A 83 -13.27 -17.82 -31.31
CA ASN A 83 -13.19 -16.36 -31.37
C ASN A 83 -13.53 -15.73 -30.02
N GLY A 84 -12.87 -16.19 -28.96
CA GLY A 84 -13.12 -15.64 -27.65
C GLY A 84 -12.92 -14.13 -27.65
N ALA A 85 -13.70 -13.42 -26.83
CA ALA A 85 -13.61 -11.96 -26.74
C ALA A 85 -13.89 -11.54 -25.30
N ASP A 86 -13.62 -10.28 -24.94
CA ASP A 86 -13.08 -9.26 -25.84
C ASP A 86 -11.63 -8.89 -25.55
N GLY A 87 -11.24 -8.92 -24.28
CA GLY A 87 -9.88 -8.58 -23.92
C GLY A 87 -9.69 -8.13 -22.48
N ILE A 88 -8.42 -8.01 -22.08
CA ILE A 88 -8.06 -7.59 -20.74
C ILE A 88 -7.11 -6.41 -20.88
N ALA A 89 -7.14 -5.50 -19.91
CA ALA A 89 -6.27 -4.34 -19.97
C ALA A 89 -5.75 -3.92 -18.60
N PHE A 90 -4.54 -3.40 -18.59
CA PHE A 90 -3.94 -2.86 -17.38
C PHE A 90 -4.24 -1.40 -17.56
N PHE A 91 -4.66 -0.70 -16.51
CA PHE A 91 -4.93 0.71 -16.67
C PHE A 91 -4.57 1.53 -15.43
N ILE A 92 -4.45 2.83 -15.64
CA ILE A 92 -4.11 3.80 -14.61
C ILE A 92 -5.17 4.88 -14.76
N ALA A 93 -5.82 5.27 -13.67
CA ALA A 93 -6.89 6.26 -13.76
C ALA A 93 -7.14 6.99 -12.45
N PRO A 94 -8.03 8.00 -12.45
CA PRO A 94 -8.33 8.73 -11.24
C PRO A 94 -8.80 7.72 -10.19
N PRO A 95 -8.49 7.98 -8.90
CA PRO A 95 -8.83 7.13 -7.76
C PRO A 95 -10.29 6.68 -7.63
N ASP A 96 -11.24 7.52 -8.05
CA ASP A 96 -12.64 7.19 -7.94
C ASP A 96 -13.23 6.55 -9.21
N THR A 97 -12.36 6.08 -10.10
CA THR A 97 -12.84 5.48 -11.34
C THR A 97 -13.78 4.30 -11.13
N THR A 98 -14.85 4.26 -11.90
CA THR A 98 -15.82 3.16 -11.84
C THR A 98 -16.14 2.73 -13.28
N ILE A 99 -16.69 1.54 -13.43
CA ILE A 99 -17.03 1.04 -14.74
C ILE A 99 -18.02 2.01 -15.38
N PRO A 100 -17.66 2.60 -16.52
CA PRO A 100 -18.55 3.54 -17.21
C PRO A 100 -19.80 2.83 -17.69
N SER A 101 -20.92 3.53 -17.67
CA SER A 101 -22.19 2.96 -18.13
C SER A 101 -22.07 2.54 -19.60
N GLY A 102 -22.41 1.30 -19.90
CA GLY A 102 -22.36 0.80 -21.26
C GLY A 102 -20.98 0.56 -21.86
N SER A 103 -20.00 0.26 -21.02
CA SER A 103 -18.64 0.04 -21.50
C SER A 103 -18.30 -1.43 -21.72
N GLY A 104 -19.33 -2.28 -21.78
CA GLY A 104 -19.09 -3.70 -21.98
C GLY A 104 -18.59 -4.04 -23.36
N GLY A 105 -18.40 -5.33 -23.61
CA GLY A 105 -17.93 -5.78 -24.92
C GLY A 105 -16.57 -5.25 -25.34
N GLY A 106 -16.50 -4.65 -26.53
CA GLY A 106 -15.25 -4.12 -27.04
C GLY A 106 -14.71 -2.90 -26.32
N LEU A 107 -15.49 -2.31 -25.42
CA LEU A 107 -15.05 -1.15 -24.66
C LEU A 107 -14.31 -1.57 -23.40
N LEU A 108 -14.20 -2.88 -23.24
CA LEU A 108 -13.47 -3.52 -22.14
C LEU A 108 -13.75 -3.05 -20.71
N GLY A 109 -14.85 -2.35 -20.50
CA GLY A 109 -15.16 -1.87 -19.16
C GLY A 109 -14.34 -0.65 -18.79
N LEU A 110 -13.67 -0.08 -19.78
CA LEU A 110 -12.83 1.10 -19.61
C LEU A 110 -13.36 2.39 -20.20
N PHE A 111 -13.98 2.31 -21.37
CA PHE A 111 -14.49 3.51 -22.02
C PHE A 111 -16.00 3.51 -22.23
N ALA A 112 -16.60 4.69 -22.07
CA ALA A 112 -18.03 4.85 -22.25
C ALA A 112 -18.29 5.06 -23.74
N PRO A 113 -19.43 4.57 -24.25
CA PRO A 113 -19.75 4.72 -25.66
C PRO A 113 -19.86 6.19 -26.06
N ASN A 122 -12.24 10.47 -20.79
CA ASN A 122 -11.89 10.74 -19.40
C ASN A 122 -10.37 10.54 -19.25
N GLN A 123 -9.87 10.61 -18.02
CA GLN A 123 -8.44 10.45 -17.77
C GLN A 123 -8.06 9.00 -17.57
N VAL A 124 -7.09 8.53 -18.35
CA VAL A 124 -6.65 7.16 -18.24
C VAL A 124 -5.51 6.85 -19.21
N ILE A 125 -4.73 5.83 -18.85
CA ILE A 125 -3.65 5.33 -19.68
C ILE A 125 -3.84 3.83 -19.53
N ALA A 126 -3.94 3.12 -20.64
CA ALA A 126 -4.15 1.70 -20.59
C ALA A 126 -3.40 0.96 -21.66
N VAL A 127 -3.09 -0.30 -21.35
CA VAL A 127 -2.42 -1.19 -22.27
C VAL A 127 -3.40 -2.36 -22.39
N GLU A 128 -4.05 -2.47 -23.54
CA GLU A 128 -5.03 -3.53 -23.74
C GLU A 128 -4.58 -4.65 -24.65
N PHE A 129 -5.05 -5.85 -24.32
CA PHE A 129 -4.75 -7.05 -25.09
C PHE A 129 -6.10 -7.48 -25.63
N ASP A 130 -6.38 -7.09 -26.87
CA ASP A 130 -7.64 -7.39 -27.53
C ASP A 130 -7.59 -8.61 -28.43
N THR A 131 -8.62 -9.45 -28.35
CA THR A 131 -8.68 -10.66 -29.16
C THR A 131 -9.87 -10.69 -30.11
N PHE A 132 -10.62 -9.60 -30.17
CA PHE A 132 -11.80 -9.54 -31.04
CA PHE A 132 -11.81 -9.51 -31.02
C PHE A 132 -11.56 -8.64 -32.26
N TYR A 133 -12.44 -8.74 -33.24
CA TYR A 133 -12.34 -7.97 -34.46
C TYR A 133 -13.39 -6.86 -34.49
C ASN A 138 -7.00 2.36 -37.34
N THR A 139 -6.56 1.50 -36.42
CA THR A 139 -5.25 1.63 -35.82
C THR A 139 -4.54 0.28 -35.70
N TRP A 140 -5.17 -0.77 -36.23
CA TRP A 140 -4.62 -2.12 -36.18
C TRP A 140 -5.27 -3.03 -37.22
N ASP A 141 -4.64 -4.18 -37.47
CA ASP A 141 -5.18 -5.15 -38.41
C ASP A 141 -6.35 -5.87 -37.75
N PRO A 142 -7.58 -5.52 -38.13
CA PRO A 142 -8.79 -6.12 -37.56
C PRO A 142 -8.81 -7.65 -37.65
N ASN A 143 -8.12 -8.18 -38.66
CA ASN A 143 -8.07 -9.62 -38.88
C ASN A 143 -7.43 -10.41 -37.74
N TYR A 144 -6.57 -9.76 -36.96
CA TYR A 144 -5.92 -10.45 -35.85
C TYR A 144 -5.89 -9.64 -34.56
N PRO A 145 -5.61 -10.30 -33.44
CA PRO A 145 -5.55 -9.64 -32.12
C PRO A 145 -4.44 -8.59 -32.11
N HIS A 146 -4.49 -7.68 -31.15
CA HIS A 146 -3.46 -6.65 -31.05
C HIS A 146 -3.31 -6.14 -29.62
N ILE A 147 -2.14 -5.62 -29.33
CA ILE A 147 -1.87 -5.01 -28.03
C ILE A 147 -1.97 -3.53 -28.34
N GLY A 148 -2.72 -2.80 -27.53
CA GLY A 148 -2.86 -1.38 -27.78
C GLY A 148 -2.62 -0.51 -26.57
N ILE A 149 -2.08 0.67 -26.82
CA ILE A 149 -1.83 1.64 -25.76
C ILE A 149 -2.88 2.73 -25.93
N ASP A 150 -3.59 3.01 -24.85
CA ASP A 150 -4.65 4.02 -24.84
C ASP A 150 -4.24 5.19 -23.97
N VAL A 151 -4.54 6.40 -24.43
CA VAL A 151 -4.24 7.60 -23.68
C VAL A 151 -5.52 8.43 -23.72
N ASN A 152 -6.05 8.73 -22.52
CA ASN A 152 -7.31 9.47 -22.43
C ASN A 152 -8.39 8.88 -23.32
N SER A 153 -8.95 9.71 -24.18
CA SER A 153 -10.00 9.25 -25.08
C SER A 153 -9.49 8.64 -26.38
N ILE A 154 -8.17 8.64 -26.57
CA ILE A 154 -7.61 8.10 -27.80
C ILE A 154 -7.23 6.64 -27.62
N ARG A 155 -8.04 5.73 -28.17
CA ARG A 155 -7.73 4.30 -28.06
C ARG A 155 -6.73 3.87 -29.13
N SER A 156 -5.78 3.05 -28.74
CA SER A 156 -4.77 2.55 -29.65
C SER A 156 -3.97 3.64 -30.35
N VAL A 157 -3.35 4.53 -29.57
CA VAL A 157 -2.53 5.58 -30.16
C VAL A 157 -1.32 4.89 -30.81
N LYS A 158 -1.13 3.62 -30.44
CA LYS A 158 -0.02 2.81 -30.93
C LYS A 158 -0.40 1.36 -30.64
N THR A 159 -0.15 0.46 -31.59
CA THR A 159 -0.47 -0.95 -31.39
C THR A 159 0.55 -1.84 -32.05
N VAL A 160 0.46 -3.13 -31.78
CA VAL A 160 1.35 -4.11 -32.36
C VAL A 160 0.55 -5.40 -32.48
N LYS A 161 0.79 -6.17 -33.54
CA LYS A 161 0.09 -7.42 -33.76
C LYS A 161 0.41 -8.38 -32.63
N TRP A 162 -0.59 -9.14 -32.20
CA TRP A 162 -0.43 -10.09 -31.11
C TRP A 162 -1.13 -11.41 -31.46
N ASP A 163 -0.77 -12.48 -30.77
CA ASP A 163 -1.39 -13.79 -31.01
C ASP A 163 -2.08 -14.27 -29.73
N ARG A 164 -3.32 -14.72 -29.85
CA ARG A 164 -4.05 -15.25 -28.70
C ARG A 164 -3.76 -16.74 -28.64
N ARG A 165 -3.46 -17.26 -27.47
CA ARG A 165 -3.19 -18.68 -27.30
C ARG A 165 -4.03 -19.19 -26.14
N ASP A 166 -5.08 -19.93 -26.47
CA ASP A 166 -6.01 -20.45 -25.48
C ASP A 166 -5.35 -21.16 -24.30
N GLY A 167 -5.60 -20.65 -23.10
CA GLY A 167 -5.04 -21.27 -21.90
C GLY A 167 -3.58 -21.04 -21.61
N GLN A 168 -2.89 -20.28 -22.46
CA GLN A 168 -1.47 -20.02 -22.22
C GLN A 168 -1.24 -18.68 -21.55
N SER A 169 -0.47 -18.69 -20.46
CA SER A 169 -0.15 -17.48 -19.71
C SER A 169 0.76 -16.56 -20.49
N LEU A 170 0.44 -15.27 -20.49
CA LEU A 170 1.26 -14.27 -21.16
C LEU A 170 1.86 -13.40 -20.06
N ASN A 171 3.19 -13.38 -19.96
CA ASN A 171 3.89 -12.58 -18.97
CA ASN A 171 3.85 -12.56 -18.96
C ASN A 171 4.11 -11.19 -19.56
N VAL A 172 3.68 -10.17 -18.83
CA VAL A 172 3.80 -8.79 -19.29
C VAL A 172 4.55 -7.85 -18.35
N LEU A 173 5.37 -6.99 -18.93
CA LEU A 173 6.11 -5.99 -18.17
C LEU A 173 5.85 -4.61 -18.79
N VAL A 174 5.22 -3.74 -18.01
CA VAL A 174 4.93 -2.38 -18.45
C VAL A 174 5.79 -1.45 -17.60
N THR A 175 6.60 -0.63 -18.25
CA THR A 175 7.48 0.28 -17.53
C THR A 175 7.32 1.72 -18.01
N PHE A 176 7.54 2.67 -17.11
CA PHE A 176 7.46 4.07 -17.46
C PHE A 176 8.66 4.79 -16.91
N ASN A 177 9.40 5.43 -17.80
CA ASN A 177 10.62 6.18 -17.46
C ASN A 177 10.30 7.67 -17.58
N PRO A 178 10.22 8.39 -16.46
CA PRO A 178 9.93 9.82 -16.52
C PRO A 178 10.94 10.66 -17.31
N SER A 179 12.19 10.23 -17.33
CA SER A 179 13.23 10.96 -18.06
C SER A 179 12.99 10.97 -19.56
N THR A 180 12.58 9.83 -20.11
CA THR A 180 12.32 9.74 -21.55
C THR A 180 10.82 9.83 -21.85
N ARG A 181 10.00 9.60 -20.82
CA ARG A 181 8.55 9.62 -20.95
C ARG A 181 8.09 8.45 -21.79
N ASN A 182 8.96 7.45 -21.91
CA ASN A 182 8.62 6.26 -22.68
CA ASN A 182 8.66 6.26 -22.69
C ASN A 182 7.87 5.23 -21.87
N LEU A 183 6.72 4.83 -22.37
CA LEU A 183 5.87 3.83 -21.73
C LEU A 183 6.16 2.55 -22.53
N ASP A 184 6.91 1.64 -21.94
CA ASP A 184 7.28 0.40 -22.63
C ASP A 184 6.48 -0.82 -22.20
N VAL A 185 6.17 -1.66 -23.19
CA VAL A 185 5.42 -2.88 -22.96
C VAL A 185 6.13 -4.04 -23.63
N VAL A 186 6.39 -5.08 -22.85
CA VAL A 186 7.02 -6.28 -23.37
C VAL A 186 6.20 -7.45 -22.84
N ALA A 187 5.75 -8.30 -23.76
CA ALA A 187 4.95 -9.47 -23.40
C ALA A 187 5.55 -10.70 -24.05
N THR A 188 5.52 -11.82 -23.34
CA THR A 188 6.06 -13.05 -23.88
C THR A 188 5.28 -14.29 -23.45
N TYR A 189 5.34 -15.33 -24.27
CA TYR A 189 4.71 -16.59 -23.91
C TYR A 189 5.86 -17.46 -23.41
N SER A 190 5.53 -18.59 -22.80
CA SER A 190 6.54 -19.48 -22.23
C SER A 190 7.53 -20.08 -23.24
N ASP A 191 7.24 -19.97 -24.53
CA ASP A 191 8.13 -20.53 -25.53
C ASP A 191 9.11 -19.48 -26.02
N GLY A 192 9.00 -18.27 -25.50
CA GLY A 192 9.90 -17.20 -25.90
C GLY A 192 9.30 -16.20 -26.86
N THR A 193 8.16 -16.53 -27.46
CA THR A 193 7.51 -15.62 -28.40
C THR A 193 7.38 -14.29 -27.66
N ARG A 194 7.72 -13.21 -28.35
CA ARG A 194 7.70 -11.90 -27.72
C ARG A 194 7.02 -10.80 -28.52
N TYR A 195 6.35 -9.91 -27.81
CA TYR A 195 5.67 -8.78 -28.44
C TYR A 195 6.12 -7.53 -27.69
N GLU A 196 6.30 -6.43 -28.41
CA GLU A 196 6.72 -5.21 -27.74
C GLU A 196 6.17 -3.98 -28.44
N VAL A 197 5.82 -2.99 -27.63
CA VAL A 197 5.31 -1.74 -28.15
C VAL A 197 5.61 -0.67 -27.10
N SER A 198 6.01 0.50 -27.57
CA SER A 198 6.34 1.60 -26.67
C SER A 198 5.82 2.89 -27.27
N TYR A 199 5.50 3.86 -26.41
CA TYR A 199 4.98 5.13 -26.88
C TYR A 199 5.32 6.23 -25.87
N GLU A 200 5.65 7.41 -26.37
CA GLU A 200 6.01 8.52 -25.51
C GLU A 200 4.74 9.16 -24.98
N VAL A 201 4.68 9.37 -23.68
CA VAL A 201 3.51 10.01 -23.08
C VAL A 201 3.86 10.75 -21.80
N ASP A 202 3.46 12.01 -21.73
CA ASP A 202 3.68 12.86 -20.56
C ASP A 202 2.48 12.58 -19.66
N VAL A 203 2.66 11.75 -18.64
CA VAL A 203 1.56 11.40 -17.74
C VAL A 203 0.88 12.63 -17.13
N ARG A 204 1.62 13.72 -16.99
CA ARG A 204 1.07 14.94 -16.42
C ARG A 204 0.00 15.57 -17.30
N SER A 205 0.02 15.24 -18.59
CA SER A 205 -0.93 15.81 -19.53
C SER A 205 -2.26 15.07 -19.60
N VAL A 206 -2.33 13.89 -19.00
CA VAL A 206 -3.56 13.13 -19.06
C VAL A 206 -4.10 12.58 -17.73
N LEU A 207 -3.24 12.51 -16.71
CA LEU A 207 -3.66 11.99 -15.41
C LEU A 207 -3.38 12.94 -14.24
N PRO A 208 -4.18 12.84 -13.18
CA PRO A 208 -4.01 13.69 -12.00
C PRO A 208 -2.78 13.20 -11.22
N GLU A 209 -2.34 13.98 -10.24
CA GLU A 209 -1.18 13.61 -9.43
C GLU A 209 -1.30 12.26 -8.74
N TRP A 210 -2.49 11.95 -8.25
CA TRP A 210 -2.70 10.67 -7.59
C TRP A 210 -3.66 9.82 -8.41
N VAL A 211 -3.31 8.54 -8.58
CA VAL A 211 -4.13 7.63 -9.36
C VAL A 211 -4.23 6.28 -8.69
N ARG A 212 -4.99 5.40 -9.30
CA ARG A 212 -5.11 4.02 -8.83
C ARG A 212 -4.78 3.16 -10.05
N VAL A 213 -4.20 1.99 -9.80
CA VAL A 213 -3.84 1.09 -10.90
C VAL A 213 -4.58 -0.22 -10.76
N GLY A 214 -4.83 -0.87 -11.90
CA GLY A 214 -5.54 -2.14 -11.87
C GLY A 214 -5.74 -2.74 -13.23
N PHE A 215 -6.73 -3.63 -13.34
CA PHE A 215 -7.04 -4.29 -14.60
C PHE A 215 -8.54 -4.29 -14.86
N SER A 216 -8.87 -4.41 -16.14
CA SER A 216 -10.26 -4.43 -16.56
C SER A 216 -10.37 -5.43 -17.71
N ALA A 217 -11.55 -6.01 -17.87
CA ALA A 217 -11.79 -6.97 -18.94
C ALA A 217 -13.29 -7.09 -19.17
N ALA A 218 -13.67 -7.53 -20.36
CA ALA A 218 -15.08 -7.69 -20.69
C ALA A 218 -15.30 -8.68 -21.82
N SER A 219 -16.53 -9.18 -21.92
CA SER A 219 -16.93 -10.10 -22.97
C SER A 219 -18.36 -9.73 -23.35
N GLY A 220 -18.60 -9.59 -24.65
CA GLY A 220 -19.94 -9.27 -25.12
C GLY A 220 -20.61 -10.57 -25.54
N GLU A 221 -20.97 -10.68 -26.81
CA GLU A 221 -21.61 -11.89 -27.31
C GLU A 221 -20.60 -13.02 -27.35
N GLN A 222 -19.36 -12.70 -27.68
CA GLN A 222 -18.29 -13.68 -27.69
C GLN A 222 -17.67 -13.60 -26.30
N TYR A 223 -17.16 -14.73 -25.80
CA TYR A 223 -16.61 -14.77 -24.46
C TYR A 223 -15.39 -15.63 -24.24
N GLN A 224 -14.72 -15.37 -23.12
CA GLN A 224 -13.52 -16.08 -22.72
C GLN A 224 -13.22 -15.64 -21.30
N THR A 225 -12.46 -16.46 -20.58
CA THR A 225 -12.09 -16.09 -19.21
C THR A 225 -10.95 -15.09 -19.31
N HIS A 226 -10.87 -14.17 -18.37
CA HIS A 226 -9.78 -13.21 -18.34
C HIS A 226 -9.21 -13.40 -16.94
N THR A 227 -8.28 -14.33 -16.84
CA THR A 227 -7.68 -14.71 -15.57
C THR A 227 -6.35 -14.05 -15.25
N LEU A 228 -6.37 -13.10 -14.32
CA LEU A 228 -5.15 -12.43 -13.89
C LEU A 228 -4.53 -13.38 -12.86
N GLU A 229 -3.38 -13.95 -13.22
CA GLU A 229 -2.69 -14.92 -12.38
C GLU A 229 -1.77 -14.36 -11.31
N SER A 230 -1.05 -13.30 -11.64
CA SER A 230 -0.13 -12.68 -10.70
C SER A 230 0.06 -11.22 -11.10
N TRP A 231 0.58 -10.42 -10.17
CA TRP A 231 0.81 -9.00 -10.43
C TRP A 231 1.71 -8.37 -9.38
N SER A 232 2.73 -7.65 -9.83
CA SER A 232 3.63 -6.96 -8.93
C SER A 232 3.72 -5.55 -9.49
N PHE A 233 3.95 -4.58 -8.61
CA PHE A 233 4.03 -3.21 -9.05
C PHE A 233 4.93 -2.38 -8.16
N THR A 234 5.60 -1.39 -8.73
CA THR A 234 6.48 -0.51 -7.99
CA THR A 234 6.48 -0.51 -7.97
C THR A 234 6.45 0.88 -8.61
N SER A 235 6.54 1.90 -7.78
CA SER A 235 6.51 3.27 -8.25
C SER A 235 7.32 4.15 -7.31
N THR A 236 8.05 5.09 -7.88
CA THR A 236 8.88 6.00 -7.08
CA THR A 236 8.86 6.01 -7.08
C THR A 236 8.98 7.35 -7.78
N LEU A 237 8.70 8.43 -7.06
CA LEU A 237 8.78 9.77 -7.64
C LEU A 237 10.24 10.18 -7.82
N LEU A 238 10.57 10.69 -9.01
CA LEU A 238 11.94 11.11 -9.30
C LEU A 238 12.04 12.52 -9.84
N TYR A 239 13.18 13.14 -9.57
CA TYR A 239 13.47 14.50 -10.04
C TYR A 239 13.96 14.43 -11.48
N PCA B 1 -1.64 -8.93 -1.32
CA PCA B 1 -0.20 -9.05 -1.74
CB PCA B 1 0.29 -7.64 -2.03
CG PCA B 1 -0.61 -6.74 -1.25
CD PCA B 1 -1.92 -7.48 -1.04
OE PCA B 1 -2.90 -6.93 -0.53
C PCA B 1 0.63 -9.67 -0.63
O PCA B 1 0.42 -9.37 0.54
N ASP B 2 1.57 -10.54 -1.01
CA ASP B 2 2.43 -11.16 -0.01
C ASP B 2 3.48 -10.14 0.43
N SER B 3 3.70 -9.13 -0.41
CA SER B 3 4.70 -8.11 -0.10
C SER B 3 4.16 -6.71 -0.31
N LEU B 4 4.55 -5.79 0.58
CA LEU B 4 4.11 -4.41 0.51
CA LEU B 4 4.11 -4.41 0.52
C LEU B 4 5.21 -3.50 1.04
N SER B 5 5.45 -2.39 0.34
CA SER B 5 6.47 -1.44 0.75
C SER B 5 5.99 -0.04 0.41
N PHE B 6 6.42 0.94 1.21
CA PHE B 6 6.06 2.32 0.97
C PHE B 6 7.02 3.21 1.74
N GLY B 7 7.26 4.41 1.22
CA GLY B 7 8.16 5.32 1.88
C GLY B 7 7.69 6.76 1.83
N PHE B 8 7.73 7.41 2.99
CA PHE B 8 7.34 8.81 3.13
C PHE B 8 8.57 9.59 3.61
N PRO B 9 9.36 10.19 2.70
CA PRO B 9 10.53 10.94 3.18
C PRO B 9 10.03 12.11 4.03
N THR B 10 8.87 12.64 3.65
CA THR B 10 8.20 13.73 4.36
C THR B 10 6.70 13.50 4.20
N PHE B 11 5.88 14.33 4.84
CA PHE B 11 4.43 14.21 4.77
C PHE B 11 3.73 15.47 4.26
N PRO B 12 3.75 15.71 2.94
CA PRO B 12 3.08 16.89 2.39
C PRO B 12 1.61 16.84 2.76
N SER B 13 0.93 17.98 2.72
CA SER B 13 -0.47 18.04 3.10
C SER B 13 -1.47 17.28 2.22
N ASP B 14 -1.08 16.90 1.02
CA ASP B 14 -2.00 16.18 0.14
C ASP B 14 -1.85 14.67 0.26
N GLN B 15 -2.24 14.13 1.41
CA GLN B 15 -2.13 12.69 1.66
C GLN B 15 -3.36 11.90 1.23
N LYS B 16 -3.13 10.68 0.75
CA LYS B 16 -4.22 9.82 0.28
C LYS B 16 -4.25 8.46 0.98
N ASN B 17 -3.10 7.93 1.34
CA ASN B 17 -3.06 6.61 1.95
C ASN B 17 -2.93 6.55 3.46
N LEU B 18 -3.24 7.66 4.14
CA LEU B 18 -3.19 7.66 5.59
C LEU B 18 -4.57 7.80 6.18
N ILE B 19 -4.86 7.01 7.20
CA ILE B 19 -6.12 7.09 7.90
C ILE B 19 -5.85 7.90 9.16
N PHE B 20 -6.39 9.11 9.19
CA PHE B 20 -6.20 10.00 10.33
C PHE B 20 -7.28 9.76 11.39
N GLN B 21 -6.86 9.56 12.64
CA GLN B 21 -7.79 9.34 13.74
C GLN B 21 -7.54 10.36 14.85
N GLY B 22 -8.60 10.75 15.56
CA GLY B 22 -8.44 11.73 16.63
C GLY B 22 -8.02 13.09 16.10
N ASP B 23 -7.04 13.71 16.75
CA ASP B 23 -6.58 15.03 16.33
C ASP B 23 -5.44 15.01 15.33
N ALA B 24 -5.03 13.82 14.90
CA ALA B 24 -3.93 13.71 13.96
C ALA B 24 -4.18 14.46 12.66
N GLN B 25 -3.14 15.14 12.17
CA GLN B 25 -3.26 15.88 10.91
C GLN B 25 -1.90 16.36 10.42
N ILE B 26 -1.85 16.76 9.15
CA ILE B 26 -0.62 17.23 8.52
C ILE B 26 -0.38 18.72 8.69
N LYS B 27 0.79 19.07 9.21
CA LYS B 27 1.18 20.46 9.37
C LYS B 27 2.68 20.55 9.17
N ASN B 28 3.10 21.52 8.36
CA ASN B 28 4.51 21.75 8.07
C ASN B 28 5.22 20.50 7.57
N ASN B 29 4.62 19.85 6.57
CA ASN B 29 5.20 18.65 5.97
C ASN B 29 5.52 17.50 6.93
N ALA B 30 4.78 17.44 8.03
CA ALA B 30 4.96 16.36 9.00
C ALA B 30 3.62 16.00 9.59
N VAL B 31 3.50 14.82 10.18
CA VAL B 31 2.25 14.42 10.79
C VAL B 31 2.28 14.87 12.25
N GLN B 32 1.32 15.69 12.63
CA GLN B 32 1.20 16.14 14.01
C GLN B 32 0.16 15.20 14.62
N LEU B 33 0.61 14.18 15.32
CA LEU B 33 -0.29 13.21 15.93
C LEU B 33 -1.20 13.86 16.96
N THR B 34 -0.63 14.72 17.80
CA THR B 34 -1.40 15.42 18.82
C THR B 34 -1.65 16.86 18.38
N LYS B 35 -2.77 17.42 18.83
CA LYS B 35 -3.18 18.76 18.46
C LYS B 35 -2.19 19.87 18.82
N THR B 36 -2.09 20.88 17.95
CA THR B 36 -1.21 22.02 18.18
C THR B 36 -1.99 23.28 17.81
N ASP B 37 -1.73 24.38 18.51
CA ASP B 37 -2.42 25.63 18.23
C ASP B 37 -1.90 26.34 16.99
N SER B 38 -2.49 27.50 16.72
CA SER B 38 -2.12 28.30 15.56
CA SER B 38 -2.12 28.31 15.57
C SER B 38 -0.65 28.71 15.51
N ASN B 39 0.07 28.57 16.62
CA ASN B 39 1.47 28.94 16.66
C ASN B 39 2.43 27.75 16.60
N GLY B 40 1.87 26.55 16.48
CA GLY B 40 2.69 25.36 16.42
C GLY B 40 2.96 24.74 17.77
N ASN B 41 2.39 25.33 18.82
CA ASN B 41 2.58 24.84 20.19
C ASN B 41 1.58 23.76 20.57
N PRO B 42 2.03 22.78 21.35
CA PRO B 42 1.20 21.66 21.82
C PRO B 42 0.15 22.08 22.83
N VAL B 43 -0.96 21.35 22.88
CA VAL B 43 -2.03 21.63 23.84
C VAL B 43 -2.34 20.36 24.63
N ALA B 44 -2.93 20.52 25.81
CA ALA B 44 -3.27 19.39 26.66
C ALA B 44 -4.48 18.62 26.14
N SER B 45 -4.76 17.48 26.77
CA SER B 45 -5.91 16.64 26.43
C SER B 45 -6.11 16.43 24.94
N THR B 46 -5.18 15.72 24.30
CA THR B 46 -5.26 15.45 22.88
C THR B 46 -4.72 14.07 22.54
N VAL B 47 -5.37 13.40 21.60
CA VAL B 47 -4.96 12.07 21.15
C VAL B 47 -5.14 11.98 19.64
N GLY B 48 -4.19 11.35 18.96
CA GLY B 48 -4.27 11.22 17.53
C GLY B 48 -3.49 10.02 17.04
N ARG B 49 -3.92 9.44 15.92
CA ARG B 49 -3.22 8.28 15.37
C ARG B 49 -3.35 8.29 13.86
N ILE B 50 -2.51 7.49 13.20
CA ILE B 50 -2.58 7.32 11.75
C ILE B 50 -2.32 5.85 11.46
N LEU B 51 -2.89 5.36 10.36
CA LEU B 51 -2.70 3.99 9.92
C LEU B 51 -2.49 4.10 8.41
N PHE B 52 -1.70 3.20 7.84
CA PHE B 52 -1.53 3.22 6.40
C PHE B 52 -2.83 2.56 5.94
N SER B 53 -3.40 3.02 4.84
CA SER B 53 -4.65 2.45 4.37
C SER B 53 -4.61 0.98 3.98
N ALA B 54 -3.60 0.58 3.21
CA ALA B 54 -3.49 -0.81 2.80
C ALA B 54 -3.15 -1.72 3.96
N GLN B 55 -3.87 -2.82 4.06
CA GLN B 55 -3.66 -3.80 5.11
C GLN B 55 -2.41 -4.61 4.82
N VAL B 56 -1.74 -5.06 5.88
CA VAL B 56 -0.53 -5.85 5.74
C VAL B 56 -0.80 -7.31 6.07
N HIS B 57 -0.36 -8.22 5.20
CA HIS B 57 -0.57 -9.63 5.49
C HIS B 57 0.61 -10.07 6.36
N LEU B 58 0.38 -10.07 7.67
CA LEU B 58 1.41 -10.42 8.66
C LEU B 58 1.77 -11.91 8.69
N TRP B 59 0.78 -12.78 8.57
CA TRP B 59 1.01 -14.22 8.53
C TRP B 59 -0.13 -14.94 7.83
N GLU B 60 0.13 -16.18 7.44
CA GLU B 60 -0.85 -16.99 6.72
C GLU B 60 -0.71 -18.45 7.15
N LYS B 61 -1.71 -18.94 7.89
CA LYS B 61 -1.68 -20.31 8.37
C LYS B 61 -1.66 -21.36 7.26
N SER B 62 -2.47 -21.16 6.22
CA SER B 62 -2.55 -22.11 5.12
C SER B 62 -1.21 -22.42 4.46
N SER B 63 -0.29 -21.46 4.47
CA SER B 63 1.01 -21.68 3.87
C SER B 63 2.10 -21.72 4.94
N SER B 64 1.68 -21.70 6.20
CA SER B 64 2.62 -21.73 7.30
C SER B 64 3.71 -20.66 7.09
N ARG B 65 3.28 -19.48 6.64
CA ARG B 65 4.22 -18.38 6.41
C ARG B 65 4.02 -17.23 7.39
N VAL B 66 5.09 -16.50 7.66
CA VAL B 66 5.06 -15.36 8.55
C VAL B 66 5.89 -14.26 7.91
N ALA B 67 5.41 -13.03 8.04
CA ALA B 67 6.08 -11.89 7.42
C ALA B 67 7.33 -11.37 8.11
N ASN B 68 8.31 -11.04 7.29
CA ASN B 68 9.55 -10.45 7.75
C ASN B 68 9.29 -8.98 7.43
N PHE B 69 9.30 -8.11 8.44
CA PHE B 69 9.05 -6.69 8.16
C PHE B 69 9.99 -5.74 8.85
N GLN B 70 10.05 -4.51 8.34
CA GLN B 70 10.88 -3.46 8.91
C GLN B 70 10.13 -2.15 8.79
N SER B 71 10.24 -1.33 9.82
CA SER B 71 9.59 -0.02 9.86
C SER B 71 10.62 0.98 10.34
N GLN B 72 10.88 2.00 9.52
CA GLN B 72 11.84 3.03 9.86
C GLN B 72 11.08 4.34 9.91
N PHE B 73 11.33 5.13 10.95
CA PHE B 73 10.65 6.40 11.08
C PHE B 73 11.42 7.33 11.98
N SER B 74 11.06 8.61 11.93
CA SER B 74 11.71 9.60 12.76
C SER B 74 10.64 10.54 13.27
N PHE B 75 10.82 11.00 14.51
CA PHE B 75 9.89 11.91 15.12
C PHE B 75 10.65 12.84 16.04
N SER B 76 9.98 13.90 16.49
CA SER B 76 10.58 14.84 17.41
C SER B 76 9.48 15.31 18.36
N LEU B 77 9.85 15.56 19.61
CA LEU B 77 8.92 16.02 20.63
C LEU B 77 9.36 17.40 21.08
N LYS B 78 8.43 18.34 21.15
CA LYS B 78 8.76 19.69 21.56
C LYS B 78 7.71 20.19 22.55
N SER B 79 8.18 20.84 23.61
CA SER B 79 7.26 21.34 24.64
C SER B 79 7.79 22.53 25.40
N PRO B 80 6.93 23.55 25.59
CA PRO B 80 7.34 24.75 26.33
C PRO B 80 7.49 24.37 27.82
N LEU B 81 6.93 23.22 28.19
CA LEU B 81 6.98 22.72 29.56
C LEU B 81 8.30 22.00 29.84
N SER B 82 8.56 21.75 31.12
CA SER B 82 9.78 21.06 31.52
C SER B 82 9.58 19.55 31.52
N ASN B 83 8.32 19.12 31.52
CA ASN B 83 8.00 17.70 31.52
C ASN B 83 6.95 17.34 30.48
N GLY B 84 7.34 17.45 29.20
CA GLY B 84 6.41 17.12 28.13
C GLY B 84 5.89 15.69 28.31
N ALA B 85 4.70 15.44 27.77
CA ALA B 85 4.08 14.13 27.87
C ALA B 85 3.07 13.97 26.73
N ASP B 86 2.59 12.75 26.48
CA ASP B 86 2.97 11.55 27.22
C ASP B 86 3.88 10.61 26.44
N GLY B 87 3.71 10.57 25.12
CA GLY B 87 4.56 9.70 24.33
C GLY B 87 3.99 9.39 22.96
N ILE B 88 4.80 8.73 22.14
CA ILE B 88 4.41 8.35 20.80
C ILE B 88 4.73 6.87 20.64
N ALA B 89 3.94 6.17 19.83
CA ALA B 89 4.16 4.76 19.62
C ALA B 89 3.89 4.26 18.22
N PHE B 90 4.69 3.31 17.77
CA PHE B 90 4.51 2.65 16.49
C PHE B 90 3.68 1.44 16.89
N PHE B 91 2.64 1.10 16.14
CA PHE B 91 1.88 -0.08 16.51
C PHE B 91 1.33 -0.86 15.33
N ILE B 92 0.95 -2.10 15.63
CA ILE B 92 0.40 -3.04 14.68
C ILE B 92 -0.85 -3.59 15.35
N ALA B 93 -1.97 -3.52 14.65
CA ALA B 93 -3.25 -3.94 15.22
C ALA B 93 -4.27 -4.41 14.19
N PRO B 94 -5.41 -4.95 14.64
CA PRO B 94 -6.42 -5.40 13.68
C PRO B 94 -6.74 -4.21 12.77
N PRO B 95 -7.17 -4.48 11.52
CA PRO B 95 -7.51 -3.43 10.55
C PRO B 95 -8.53 -2.39 10.96
N ASP B 96 -9.55 -2.82 11.71
CA ASP B 96 -10.61 -1.91 12.15
C ASP B 96 -10.30 -1.17 13.45
N THR B 97 -9.05 -1.18 13.87
CA THR B 97 -8.66 -0.51 15.11
C THR B 97 -9.02 0.97 15.13
N THR B 98 -9.60 1.43 16.24
CA THR B 98 -9.95 2.83 16.42
C THR B 98 -9.49 3.23 17.83
N ILE B 99 -9.46 4.53 18.11
CA ILE B 99 -9.04 5.03 19.42
C ILE B 99 -10.02 4.57 20.51
N PRO B 100 -9.52 3.84 21.51
CA PRO B 100 -10.39 3.35 22.60
C PRO B 100 -10.90 4.52 23.43
N SER B 101 -12.15 4.43 23.87
CA SER B 101 -12.75 5.48 24.68
C SER B 101 -11.93 5.60 25.97
N GLY B 102 -11.53 6.81 26.32
CA GLY B 102 -10.75 7.04 27.52
C GLY B 102 -9.29 6.61 27.48
N SER B 103 -8.70 6.55 26.29
CA SER B 103 -7.30 6.13 26.18
C SER B 103 -6.30 7.29 26.13
N GLY B 104 -6.70 8.45 26.65
CA GLY B 104 -5.82 9.61 26.64
C GLY B 104 -4.67 9.52 27.63
N GLY B 105 -3.83 10.55 27.66
CA GLY B 105 -2.71 10.57 28.58
C GLY B 105 -1.76 9.39 28.47
N GLY B 106 -1.43 8.81 29.62
CA GLY B 106 -0.51 7.68 29.66
C GLY B 106 -0.93 6.44 28.88
N LEU B 107 -2.17 6.41 28.40
CA LEU B 107 -2.64 5.26 27.64
C LEU B 107 -2.33 5.44 26.15
N LEU B 108 -1.76 6.59 25.81
CA LEU B 108 -1.31 6.90 24.46
C LEU B 108 -2.30 6.78 23.30
N GLY B 109 -3.57 6.55 23.59
CA GLY B 109 -4.54 6.39 22.53
C GLY B 109 -4.52 4.97 22.01
N LEU B 110 -3.80 4.10 22.70
CA LEU B 110 -3.67 2.70 22.30
C LEU B 110 -4.42 1.74 23.22
N PHE B 111 -4.49 2.09 24.51
CA PHE B 111 -5.15 1.21 25.47
C PHE B 111 -6.35 1.82 26.18
N ALA B 112 -7.34 0.99 26.46
CA ALA B 112 -8.55 1.43 27.16
C ALA B 112 -8.26 1.38 28.66
N PRO B 113 -8.96 2.20 29.45
CA PRO B 113 -8.74 2.22 30.91
C PRO B 113 -9.14 0.88 31.53
N ASN B 122 -5.76 -5.90 24.34
CA ASN B 122 -6.41 -6.28 23.10
C ASN B 122 -5.34 -6.89 22.19
N GLN B 123 -5.61 -6.99 20.90
CA GLN B 123 -4.65 -7.54 19.96
C GLN B 123 -3.77 -6.42 19.44
N VAL B 124 -2.50 -6.43 19.82
CA VAL B 124 -1.60 -5.39 19.37
C VAL B 124 -0.16 -5.66 19.74
N ILE B 125 0.73 -5.06 18.96
CA ILE B 125 2.15 -5.11 19.21
C ILE B 125 2.56 -3.67 18.99
N ALA B 126 3.26 -3.10 19.97
CA ALA B 126 3.66 -1.71 19.87
C ALA B 126 5.02 -1.43 20.48
N VAL B 127 5.61 -0.33 20.05
CA VAL B 127 6.90 0.10 20.56
C VAL B 127 6.63 1.55 20.95
N GLU B 128 6.51 1.80 22.25
CA GLU B 128 6.25 3.15 22.73
C GLU B 128 7.46 3.89 23.26
N PHE B 129 7.46 5.19 23.03
CA PHE B 129 8.52 6.08 23.47
C PHE B 129 7.82 7.01 24.45
N ASP B 130 7.97 6.69 25.74
CA ASP B 130 7.31 7.43 26.79
C ASP B 130 8.19 8.46 27.48
N THR B 131 7.58 9.58 27.86
CA THR B 131 8.28 10.64 28.54
C THR B 131 7.52 11.00 29.82
N PHE B 132 6.40 10.32 30.05
CA PHE B 132 5.57 10.58 31.22
C PHE B 132 6.05 9.83 32.47
N TYR B 133 5.65 10.31 33.64
CA TYR B 133 6.04 9.69 34.89
C TYR B 133 4.91 8.88 35.51
N ALA B 134 5.15 7.58 35.69
CA ALA B 134 4.16 6.69 36.28
C ALA B 134 4.76 6.03 37.52
N GLN B 135 4.38 6.53 38.69
CA GLN B 135 4.89 6.01 39.96
C GLN B 135 4.50 4.54 40.21
N ASP B 136 3.88 3.92 39.21
CA ASP B 136 3.47 2.53 39.32
C ASP B 136 4.27 1.64 38.36
N SER B 137 5.32 2.21 37.76
CA SER B 137 6.16 1.48 36.83
C SER B 137 6.74 0.22 37.49
N ASN B 138 6.56 -0.92 36.84
CA ASN B 138 7.05 -2.18 37.38
C ASN B 138 8.11 -2.80 36.48
N THR B 139 8.37 -2.19 35.33
CA THR B 139 9.35 -2.72 34.39
C THR B 139 10.27 -1.64 33.80
N TRP B 140 10.33 -0.49 34.45
CA TRP B 140 11.17 0.62 33.99
C TRP B 140 11.26 1.67 35.10
N ASP B 141 12.34 2.46 35.09
CA ASP B 141 12.53 3.51 36.08
C ASP B 141 11.58 4.68 35.77
N PRO B 142 10.55 4.89 36.60
CA PRO B 142 9.54 5.95 36.45
C PRO B 142 10.09 7.38 36.45
N ASN B 143 11.23 7.58 37.09
CA ASN B 143 11.84 8.89 37.17
C ASN B 143 12.49 9.32 35.85
N TYR B 144 12.44 8.44 34.85
CA TYR B 144 13.03 8.74 33.55
C TYR B 144 12.25 8.13 32.40
N PRO B 145 12.26 8.79 31.22
CA PRO B 145 11.54 8.26 30.06
C PRO B 145 12.06 6.89 29.66
N HIS B 146 11.24 6.14 28.95
CA HIS B 146 11.66 4.81 28.51
C HIS B 146 11.02 4.43 27.18
N ILE B 147 11.65 3.45 26.53
CA ILE B 147 11.15 2.91 25.29
C ILE B 147 10.67 1.54 25.75
N GLY B 148 9.46 1.16 25.35
CA GLY B 148 8.95 -0.12 25.78
C GLY B 148 8.24 -0.90 24.71
N ILE B 149 8.36 -2.23 24.77
CA ILE B 149 7.69 -3.09 23.82
C ILE B 149 6.42 -3.62 24.48
N ASP B 150 5.31 -3.49 23.77
CA ASP B 150 4.00 -3.93 24.24
C ASP B 150 3.51 -5.10 23.40
N VAL B 151 3.02 -6.15 24.06
CA VAL B 151 2.47 -7.30 23.37
C VAL B 151 1.10 -7.54 23.99
N ASN B 152 0.06 -7.48 23.17
CA ASN B 152 -1.31 -7.65 23.65
C ASN B 152 -1.57 -6.72 24.84
N SER B 153 -2.11 -7.27 25.91
CA SER B 153 -2.41 -6.48 27.09
C SER B 153 -1.21 -6.28 28.03
N ILE B 154 -0.05 -6.77 27.63
CA ILE B 154 1.14 -6.61 28.46
C ILE B 154 1.95 -5.41 27.99
N ARG B 155 1.85 -4.29 28.69
CA ARG B 155 2.62 -3.11 28.29
C ARG B 155 4.02 -3.21 28.86
N SER B 156 5.00 -2.87 28.03
CA SER B 156 6.40 -2.89 28.45
C SER B 156 6.88 -4.27 28.92
N VAL B 157 6.70 -5.29 28.08
CA VAL B 157 7.18 -6.63 28.40
C VAL B 157 8.68 -6.52 28.51
N LYS B 158 9.23 -5.48 27.89
CA LYS B 158 10.66 -5.22 27.94
C LYS B 158 10.85 -3.73 27.67
N THR B 159 11.83 -3.14 28.33
CA THR B 159 12.08 -1.72 28.17
C THR B 159 13.57 -1.40 28.23
N VAL B 160 13.87 -0.14 28.00
CA VAL B 160 15.24 0.35 28.05
CA VAL B 160 15.24 0.36 28.03
C VAL B 160 15.15 1.84 28.35
N LYS B 161 16.06 2.33 29.19
CA LYS B 161 16.05 3.74 29.54
C LYS B 161 16.32 4.55 28.27
N TRP B 162 15.72 5.73 28.20
CA TRP B 162 15.86 6.59 27.05
C TRP B 162 15.91 8.04 27.54
N ASP B 163 16.42 8.96 26.73
CA ASP B 163 16.51 10.36 27.11
C ASP B 163 15.67 11.22 26.18
N ARG B 164 14.91 12.15 26.75
CA ARG B 164 14.08 13.06 25.97
C ARG B 164 14.88 14.30 25.60
N ARG B 165 14.89 14.65 24.33
CA ARG B 165 15.60 15.84 23.88
C ARG B 165 14.64 16.71 23.10
N ASP B 166 14.22 17.81 23.72
CA ASP B 166 13.27 18.71 23.11
C ASP B 166 13.67 19.14 21.70
N GLY B 167 12.75 18.99 20.75
CA GLY B 167 13.00 19.39 19.38
C GLY B 167 13.99 18.58 18.56
N GLN B 168 14.62 17.57 19.16
CA GLN B 168 15.57 16.77 18.40
C GLN B 168 14.92 15.52 17.83
N SER B 169 15.25 15.23 16.58
CA SER B 169 14.70 14.06 15.89
C SER B 169 15.36 12.75 16.28
N LEU B 170 14.53 11.76 16.56
CA LEU B 170 15.03 10.43 16.91
C LEU B 170 14.73 9.53 15.72
N ASN B 171 15.76 8.86 15.20
CA ASN B 171 15.57 7.94 14.09
C ASN B 171 15.41 6.55 14.66
N VAL B 172 14.37 5.85 14.22
CA VAL B 172 14.09 4.51 14.73
C VAL B 172 13.91 3.49 13.63
N LEU B 173 14.41 2.29 13.87
CA LEU B 173 14.28 1.18 12.95
C LEU B 173 13.72 0.01 13.76
N VAL B 174 12.58 -0.50 13.34
CA VAL B 174 11.93 -1.62 14.00
C VAL B 174 11.93 -2.77 13.01
N THR B 175 12.50 -3.90 13.38
CA THR B 175 12.55 -5.04 12.47
C THR B 175 12.06 -6.32 13.15
N PHE B 176 11.45 -7.20 12.35
CA PHE B 176 10.96 -8.49 12.84
C PHE B 176 11.40 -9.57 11.87
N ASN B 177 12.05 -10.58 12.40
CA ASN B 177 12.54 -11.72 11.62
C ASN B 177 11.73 -12.94 12.07
N PRO B 178 10.83 -13.45 11.23
CA PRO B 178 10.01 -14.60 11.61
C PRO B 178 10.80 -15.87 11.94
N SER B 179 12.02 -15.98 11.42
CA SER B 179 12.85 -17.17 11.67
C SER B 179 13.33 -17.25 13.11
N THR B 180 13.62 -16.09 13.70
CA THR B 180 14.09 -16.05 15.08
C THR B 180 12.99 -15.49 15.96
N ARG B 181 12.00 -14.85 15.34
CA ARG B 181 10.89 -14.22 16.03
C ARG B 181 11.35 -13.03 16.86
N ASN B 182 12.53 -12.51 16.52
CA ASN B 182 13.03 -11.35 17.24
C ASN B 182 12.49 -10.05 16.70
N LEU B 183 11.98 -9.22 17.61
CA LEU B 183 11.48 -7.89 17.28
C LEU B 183 12.59 -7.00 17.82
N ASP B 184 13.31 -6.35 16.92
CA ASP B 184 14.41 -5.48 17.31
CA ASP B 184 14.42 -5.47 17.30
C ASP B 184 14.09 -4.00 17.12
N VAL B 185 14.45 -3.20 18.12
CA VAL B 185 14.21 -1.78 18.05
C VAL B 185 15.56 -1.08 18.27
N VAL B 186 15.91 -0.21 17.35
CA VAL B 186 17.14 0.55 17.44
C VAL B 186 16.77 2.00 17.16
N ALA B 187 17.08 2.88 18.11
CA ALA B 187 16.78 4.30 17.97
C ALA B 187 18.06 5.11 18.19
N THR B 188 18.23 6.18 17.42
CA THR B 188 19.42 7.01 17.56
C THR B 188 19.12 8.47 17.29
N TYR B 189 19.81 9.34 18.03
CA TYR B 189 19.67 10.78 17.80
C TYR B 189 20.72 11.11 16.75
N SER B 190 20.72 12.36 16.26
CA SER B 190 21.66 12.75 15.21
C SER B 190 23.13 12.72 15.62
N ASP B 191 23.40 12.66 16.92
CA ASP B 191 24.79 12.63 17.38
C ASP B 191 25.29 11.20 17.55
N GLY B 192 24.44 10.24 17.22
CA GLY B 192 24.85 8.85 17.36
C GLY B 192 24.42 8.18 18.65
N THR B 193 23.88 8.94 19.60
CA THR B 193 23.43 8.32 20.86
C THR B 193 22.44 7.24 20.44
N ARG B 194 22.68 6.02 20.91
CA ARG B 194 21.87 4.87 20.51
C ARG B 194 21.13 4.16 21.64
N TYR B 195 19.92 3.69 21.34
CA TYR B 195 19.11 2.96 22.30
C TYR B 195 18.66 1.68 21.61
N GLU B 196 18.78 0.56 22.31
CA GLU B 196 18.39 -0.72 21.74
C GLU B 196 17.55 -1.51 22.72
N VAL B 197 16.51 -2.16 22.19
CA VAL B 197 15.64 -3.01 22.99
C VAL B 197 15.12 -4.07 22.01
N SER B 198 15.15 -5.32 22.44
CA SER B 198 14.72 -6.43 21.60
C SER B 198 13.94 -7.48 22.38
N TYR B 199 13.01 -8.15 21.71
CA TYR B 199 12.20 -9.16 22.38
C TYR B 199 11.64 -10.21 21.42
N GLU B 200 11.60 -11.46 21.87
CA GLU B 200 11.09 -12.55 21.06
C GLU B 200 9.58 -12.58 21.13
N VAL B 201 8.93 -12.59 19.98
CA VAL B 201 7.47 -12.64 19.98
C VAL B 201 6.91 -13.30 18.72
N ASP B 202 6.05 -14.30 18.93
CA ASP B 202 5.40 -15.01 17.85
C ASP B 202 4.17 -14.18 17.51
N VAL B 203 4.24 -13.37 16.46
CA VAL B 203 3.12 -12.51 16.11
C VAL B 203 1.83 -13.28 15.90
N ARG B 204 1.95 -14.56 15.55
CA ARG B 204 0.78 -15.40 15.32
C ARG B 204 -0.06 -15.61 16.58
N SER B 205 0.57 -15.48 17.75
CA SER B 205 -0.16 -15.68 19.00
C SER B 205 -0.88 -14.43 19.49
N VAL B 206 -0.63 -13.29 18.85
CA VAL B 206 -1.27 -12.07 19.30
C VAL B 206 -2.05 -11.29 18.25
N LEU B 207 -1.70 -11.45 16.98
CA LEU B 207 -2.37 -10.70 15.94
C LEU B 207 -3.01 -11.54 14.85
N PRO B 208 -4.11 -11.04 14.27
CA PRO B 208 -4.79 -11.77 13.20
C PRO B 208 -3.88 -11.77 11.96
N GLU B 209 -4.25 -12.53 10.94
CA GLU B 209 -3.45 -12.63 9.72
C GLU B 209 -3.22 -11.31 8.99
N TRP B 210 -4.26 -10.47 8.93
CA TRP B 210 -4.14 -9.17 8.27
C TRP B 210 -4.24 -8.08 9.32
N VAL B 211 -3.37 -7.08 9.21
CA VAL B 211 -3.36 -5.99 10.18
C VAL B 211 -3.11 -4.65 9.50
N ARG B 212 -3.13 -3.59 10.31
CA ARG B 212 -2.80 -2.26 9.82
C ARG B 212 -1.66 -1.78 10.70
N VAL B 213 -0.76 -1.00 10.12
CA VAL B 213 0.37 -0.46 10.86
C VAL B 213 0.27 1.06 10.94
N GLY B 214 0.80 1.65 12.01
CA GLY B 214 0.73 3.09 12.14
C GLY B 214 1.32 3.63 13.43
N PHE B 215 0.89 4.83 13.81
CA PHE B 215 1.40 5.46 15.03
C PHE B 215 0.29 6.06 15.87
N SER B 216 0.57 6.23 17.16
CA SER B 216 -0.38 6.80 18.09
C SER B 216 0.36 7.68 19.10
N ALA B 217 -0.32 8.71 19.60
CA ALA B 217 0.28 9.61 20.58
C ALA B 217 -0.81 10.35 21.33
N ALA B 218 -0.50 10.81 22.53
CA ALA B 218 -1.47 11.54 23.33
C ALA B 218 -0.79 12.36 24.42
N SER B 219 -1.49 13.40 24.87
CA SER B 219 -1.02 14.26 25.95
C SER B 219 -2.21 14.43 26.88
N GLY B 220 -1.97 14.27 28.18
CA GLY B 220 -3.03 14.47 29.16
C GLY B 220 -2.86 15.84 29.77
N GLU B 221 -2.63 15.90 31.07
CA GLU B 221 -2.44 17.18 31.76
C GLU B 221 -1.14 17.84 31.28
N GLN B 222 -0.08 17.05 31.13
CA GLN B 222 1.19 17.55 30.61
C GLN B 222 1.09 17.34 29.09
N TYR B 223 1.86 18.11 28.32
CA TYR B 223 1.79 18.01 26.87
C TYR B 223 3.07 18.33 26.11
N GLN B 224 3.08 17.91 24.84
CA GLN B 224 4.21 18.13 23.94
C GLN B 224 3.74 17.71 22.55
N THR B 225 4.45 18.14 21.53
CA THR B 225 4.11 17.76 20.16
C THR B 225 4.64 16.36 19.94
N HIS B 226 3.98 15.62 19.06
CA HIS B 226 4.43 14.28 18.71
C HIS B 226 4.43 14.32 17.19
N THR B 227 5.52 14.86 16.65
CA THR B 227 5.68 15.05 15.23
C THR B 227 6.38 13.91 14.51
N LEU B 228 5.61 13.19 13.68
CA LEU B 228 6.15 12.09 12.88
C LEU B 228 6.69 12.77 11.62
N GLU B 229 8.00 12.74 11.45
CA GLU B 229 8.66 13.40 10.32
C GLU B 229 8.88 12.59 9.06
N SER B 230 9.06 11.29 9.21
CA SER B 230 9.29 10.44 8.05
C SER B 230 8.95 9.01 8.44
N TRP B 231 8.68 8.18 7.45
CA TRP B 231 8.33 6.79 7.71
C TRP B 231 8.40 5.93 6.47
N SER B 232 9.13 4.83 6.58
CA SER B 232 9.24 3.89 5.48
CA SER B 232 9.25 3.88 5.49
C SER B 232 8.91 2.51 6.06
N PHE B 233 8.34 1.63 5.23
CA PHE B 233 7.96 0.32 5.73
C PHE B 233 8.01 -0.74 4.63
N THR B 234 8.35 -1.97 5.02
CA THR B 234 8.39 -3.08 4.08
C THR B 234 8.03 -4.37 4.79
N SER B 235 7.30 -5.22 4.08
CA SER B 235 6.88 -6.49 4.63
C SER B 235 6.80 -7.53 3.51
N THR B 236 7.20 -8.76 3.82
CA THR B 236 7.17 -9.86 2.86
C THR B 236 6.94 -11.18 3.56
N LEU B 237 5.98 -11.96 3.08
CA LEU B 237 5.70 -13.27 3.67
C LEU B 237 6.79 -14.27 3.27
N LEU B 238 7.22 -15.05 4.25
CA LEU B 238 8.26 -16.07 4.04
C LEU B 238 7.87 -17.36 4.75
N TYR B 239 8.19 -18.49 4.12
CA TYR B 239 7.87 -19.79 4.70
C TYR B 239 8.68 -20.02 5.97
N THR B 240 8.09 -20.74 6.92
CA THR B 240 8.75 -21.05 8.18
C1 MAN C . -21.17 -7.53 -29.16
C2 MAN C . -20.76 -6.17 -28.56
C3 MAN C . -19.31 -5.83 -28.87
C4 MAN C . -18.36 -7.00 -28.58
C5 MAN C . -18.90 -8.28 -29.23
C6 MAN C . -18.05 -9.50 -28.95
O1 MAN C . -21.12 -7.44 -30.54
O2 MAN C . -20.98 -6.15 -27.13
O3 MAN C . -18.91 -4.70 -28.08
O4 MAN C . -17.07 -6.71 -29.08
O5 MAN C . -20.23 -8.55 -28.77
O6 MAN C . -18.07 -9.83 -27.57
C1 MAN C . -21.93 -5.20 -26.70
C2 MAN C . -21.55 -4.67 -25.32
C3 MAN C . -21.62 -5.79 -24.28
C4 MAN C . -22.97 -6.52 -24.32
C5 MAN C . -23.38 -6.90 -25.75
C6 MAN C . -24.83 -7.34 -25.83
O2 MAN C . -22.44 -3.62 -24.95
O3 MAN C . -21.45 -5.22 -22.99
O4 MAN C . -22.88 -7.69 -23.54
O5 MAN C . -23.25 -5.76 -26.65
O6 MAN C . -25.70 -6.22 -25.72
C1 MAN D . -3.11 13.26 33.62
C2 MAN D . -3.59 11.96 32.98
C3 MAN D . -2.43 10.98 32.75
C4 MAN D . -1.26 11.67 32.06
C5 MAN D . -0.88 12.95 32.79
C6 MAN D . 0.22 13.71 32.09
O1 MAN D . -2.67 13.02 34.91
O2 MAN D . -4.26 12.22 31.74
O3 MAN D . -2.87 9.89 31.96
O4 MAN D . -0.14 10.80 32.03
O5 MAN D . -2.02 13.84 32.87
O6 MAN D . -0.16 14.04 30.76
C1 MAN D . -5.64 12.01 31.77
C2 MAN D . -6.15 11.53 30.40
C3 MAN D . -6.16 12.67 29.38
C4 MAN D . -6.87 13.90 29.93
C5 MAN D . -6.27 14.29 31.28
C6 MAN D . -6.98 15.46 31.93
O2 MAN D . -7.47 11.01 30.53
O3 MAN D . -6.83 12.23 28.20
O4 MAN D . -6.72 14.98 29.02
O5 MAN D . -6.36 13.18 32.19
O6 MAN D . -8.38 15.37 31.77
S SO4 E . 8.57 -5.39 -10.56
O1 SO4 E . 8.58 -6.86 -10.61
O2 SO4 E . 7.18 -4.90 -10.62
O3 SO4 E . 9.32 -4.85 -11.71
O4 SO4 E . 9.20 -4.92 -9.31
S SO4 F . 13.22 0.16 5.53
O1 SO4 F . 14.14 -0.63 6.37
O2 SO4 F . 11.89 0.19 6.14
O3 SO4 F . 13.13 -0.44 4.19
O4 SO4 F . 13.73 1.54 5.41
#